data_6SO1
#
_entry.id   6SO1
#
_cell.length_a   45.683
_cell.length_b   85.883
_cell.length_c   126.807
_cell.angle_alpha   90.000
_cell.angle_beta   90.000
_cell.angle_gamma   90.000
#
_symmetry.space_group_name_H-M   'P 21 21 21'
#
loop_
_entity.id
_entity.type
_entity.pdbx_description
1 polymer 'Mitogen-activated protein kinase 14'
2 non-polymer 1-(1,3-benzodioxol-5-yl)-~{N}-[[(2~{R})-oxolan-2-yl]methyl]methanamine
3 non-polymer 'CHLORIDE ION'
4 non-polymer 'MAGNESIUM ION'
5 non-polymer 'SULFATE ION'
6 water water
#
_entity_poly.entity_id   1
_entity_poly.type   'polypeptide(L)'
_entity_poly.pdbx_seq_one_letter_code
;MGSSHHHHHHSQDPENLYFQGMSQERPTFYRQELNKTIWEVPERYQNLSPVGSGAYGSVCAAFDTKTGHRVAVKKLSRPF
QSIIHAKRTYRELRLLKHMKHENVIGLLDVFTPARSLEEFNDVYLVTHLMGADLNNIVKCQKLTDDHVQFLIYQILRGLK
YIHSADIIHRDLKPSNLAVNEDCELKILDFGLARHTDDEMTGYVATRWYRAPEIMLNWMHYNQTVDIWSVGCIMAELLTG
RTLFPGTDHIDQLKLILRLVGTPGAELLKKISSESARNYIQSLAQMPKMNFANVFIGANPLAVDLLEKMLVLDSDKRITA
AQALAHAYFAQYHDPDDEPVADPYDQSFESRDLLIDEWKSLTYDEVISFVPPPLDQEEMES
;
_entity_poly.pdbx_strand_id   A
#
loop_
_chem_comp.id
_chem_comp.type
_chem_comp.name
_chem_comp.formula
CL non-polymer 'CHLORIDE ION' 'Cl -1'
LO5 non-polymer 1-(1,3-benzodioxol-5-yl)-~{N}-[[(2~{R})-oxolan-2-yl]methyl]methanamine 'C13 H17 N O3'
MG non-polymer 'MAGNESIUM ION' 'Mg 2'
SO4 non-polymer 'SULFATE ION' 'O4 S -2'
#
# COMPACT_ATOMS: atom_id res chain seq x y z
N ARG A 26 25.02 -9.42 21.14
CA ARG A 26 24.05 -8.33 21.35
C ARG A 26 24.77 -6.98 21.38
N PRO A 27 24.29 -6.03 20.57
CA PRO A 27 24.91 -4.70 20.58
C PRO A 27 24.72 -3.99 21.90
N THR A 28 25.55 -2.95 22.11
CA THR A 28 25.35 -2.02 23.20
C THR A 28 24.27 -1.02 22.83
N PHE A 29 23.34 -0.79 23.75
CA PHE A 29 22.26 0.17 23.57
C PHE A 29 22.55 1.43 24.38
N TYR A 30 22.03 2.56 23.91
CA TYR A 30 22.05 3.80 24.67
C TYR A 30 20.65 4.40 24.71
N ARG A 31 20.35 5.12 25.79
CA ARG A 31 19.03 5.69 26.05
C ARG A 31 19.06 7.20 25.87
N GLN A 32 17.91 7.73 25.44
CA GLN A 32 17.72 9.18 25.39
C GLN A 32 16.23 9.47 25.30
N GLU A 33 15.86 10.67 25.72
CA GLU A 33 14.47 11.13 25.64
C GLU A 33 14.36 12.14 24.52
N LEU A 34 13.49 11.86 23.55
CA LEU A 34 13.25 12.76 22.42
C LEU A 34 11.74 12.99 22.32
N ASN A 35 11.32 14.22 22.56
CA ASN A 35 9.90 14.61 22.53
C ASN A 35 9.05 13.67 23.38
N LYS A 36 9.34 13.68 24.69
CA LYS A 36 8.58 13.00 25.74
C LYS A 36 8.59 11.47 25.61
N THR A 37 9.49 10.91 24.82
CA THR A 37 9.55 9.46 24.61
C THR A 37 10.97 8.97 24.84
N ILE A 38 11.11 7.84 25.53
CA ILE A 38 12.41 7.22 25.75
C ILE A 38 12.75 6.33 24.56
N TRP A 39 13.91 6.57 23.97
CA TRP A 39 14.41 5.77 22.86
C TRP A 39 15.66 5.05 23.33
N GLU A 40 15.66 3.72 23.25
CA GLU A 40 16.81 2.89 23.61
C GLU A 40 17.21 2.08 22.37
N VAL A 41 18.34 2.42 21.77
CA VAL A 41 18.69 1.88 20.45
C VAL A 41 20.17 1.50 20.43
N PRO A 42 20.56 0.60 19.51
CA PRO A 42 21.98 0.25 19.36
C PRO A 42 22.85 1.44 18.96
N GLU A 43 24.11 1.41 19.42
CA GLU A 43 25.05 2.51 19.15
C GLU A 43 25.21 2.81 17.66
N ARG A 44 24.98 1.82 16.80
CA ARG A 44 25.16 2.04 15.37
C ARG A 44 24.27 3.17 14.85
N TYR A 45 23.13 3.41 15.50
CA TYR A 45 22.19 4.44 15.04
C TYR A 45 22.49 5.75 15.76
N GLN A 46 22.85 6.78 14.99
CA GLN A 46 23.32 8.05 15.53
C GLN A 46 22.48 9.23 15.03
N ASN A 47 22.56 10.34 15.77
CA ASN A 47 21.94 11.61 15.39
C ASN A 47 20.43 11.46 15.16
N LEU A 48 19.76 10.84 16.13
CA LEU A 48 18.31 10.65 16.04
C LEU A 48 17.59 11.98 16.06
N SER A 49 16.59 12.14 15.19
CA SER A 49 15.83 13.37 15.05
C SER A 49 14.38 13.09 14.71
N PRO A 50 13.43 13.50 15.57
CA PRO A 50 12.02 13.17 15.33
C PRO A 50 11.52 13.67 13.98
N VAL A 51 10.57 12.93 13.42
CA VAL A 51 10.07 13.21 12.07
C VAL A 51 8.56 13.11 12.02
N GLY A 52 7.98 12.12 12.70
CA GLY A 52 6.54 11.90 12.64
C GLY A 52 5.94 11.11 13.79
N TYR A 56 0.28 4.72 15.60
CA TYR A 56 0.89 3.40 15.54
C TYR A 56 2.30 3.41 16.14
N GLY A 57 2.90 4.60 16.19
CA GLY A 57 4.22 4.75 16.75
C GLY A 57 4.78 6.12 16.46
N SER A 58 5.98 6.35 16.98
CA SER A 58 6.78 7.54 16.71
C SER A 58 7.95 7.16 15.82
N VAL A 59 8.40 8.12 15.01
CA VAL A 59 9.45 7.90 14.02
C VAL A 59 10.55 8.96 14.17
N CYS A 60 11.81 8.52 14.10
CA CYS A 60 12.99 9.37 14.02
C CYS A 60 13.80 9.06 12.77
N ALA A 61 14.41 10.09 12.20
CA ALA A 61 15.48 9.90 11.24
C ALA A 61 16.79 9.64 11.99
N ALA A 62 17.65 8.82 11.41
CA ALA A 62 18.94 8.53 12.03
C ALA A 62 19.96 8.20 10.95
N PHE A 63 21.23 8.24 11.33
CA PHE A 63 22.31 7.77 10.47
C PHE A 63 22.74 6.39 10.96
N ASP A 64 22.69 5.40 10.08
CA ASP A 64 23.15 4.05 10.42
C ASP A 64 24.64 3.93 10.09
N THR A 65 25.47 3.92 11.13
CA THR A 65 26.91 3.89 10.88
C THR A 65 27.41 2.55 10.34
N LYS A 66 26.62 1.48 10.46
CA LYS A 66 27.06 0.19 9.94
C LYS A 66 26.91 0.12 8.42
N THR A 67 25.85 0.71 7.86
CA THR A 67 25.57 0.61 6.44
C THR A 67 25.83 1.90 5.67
N GLY A 68 25.91 3.04 6.35
CA GLY A 68 26.02 4.32 5.70
C GLY A 68 24.71 4.91 5.20
N HIS A 69 23.57 4.26 5.46
CA HIS A 69 22.28 4.76 5.01
C HIS A 69 21.68 5.71 6.04
N ARG A 70 20.93 6.69 5.54
CA ARG A 70 19.98 7.41 6.37
C ARG A 70 18.72 6.56 6.49
N VAL A 71 18.22 6.39 7.72
CA VAL A 71 17.17 5.42 8.00
C VAL A 71 16.04 6.08 8.78
N ALA A 72 14.87 5.44 8.72
CA ALA A 72 13.76 5.74 9.62
C ALA A 72 13.70 4.67 10.69
N VAL A 73 13.66 5.09 11.95
CA VAL A 73 13.52 4.18 13.09
C VAL A 73 12.15 4.43 13.71
N LYS A 74 11.29 3.41 13.70
CA LYS A 74 9.94 3.53 14.23
C LYS A 74 9.82 2.72 15.52
N LYS A 75 9.47 3.39 16.61
CA LYS A 75 9.19 2.74 17.87
C LYS A 75 7.69 2.51 17.98
N LEU A 76 7.28 1.24 18.03
CA LEU A 76 5.85 0.95 18.09
C LEU A 76 5.25 1.47 19.40
N SER A 77 4.04 1.99 19.31
CA SER A 77 3.34 2.46 20.50
C SER A 77 2.41 1.36 21.00
N ARG A 78 2.58 1.00 22.28
CA ARG A 78 1.79 -0.03 22.98
C ARG A 78 1.56 -1.25 22.09
N PRO A 79 2.62 -1.93 21.65
CA PRO A 79 2.44 -3.03 20.68
C PRO A 79 1.62 -4.20 21.20
N PHE A 80 1.52 -4.38 22.51
CA PHE A 80 0.87 -5.57 23.07
C PHE A 80 -0.22 -5.20 24.06
N GLN A 81 -0.89 -4.06 23.86
CA GLN A 81 -1.86 -3.60 24.84
C GLN A 81 -3.16 -4.41 24.83
N SER A 82 -3.47 -5.09 23.73
CA SER A 82 -4.65 -5.92 23.62
C SER A 82 -4.36 -7.04 22.63
N ILE A 83 -5.25 -8.04 22.58
CA ILE A 83 -5.09 -9.12 21.62
C ILE A 83 -5.07 -8.56 20.20
N ILE A 84 -5.98 -7.63 19.90
CA ILE A 84 -6.03 -7.01 18.58
C ILE A 84 -4.70 -6.35 18.25
N HIS A 85 -4.16 -5.58 19.20
CA HIS A 85 -2.92 -4.86 18.95
C HIS A 85 -1.73 -5.80 18.86
N ALA A 86 -1.70 -6.83 19.71
CA ALA A 86 -0.60 -7.79 19.67
C ALA A 86 -0.58 -8.55 18.35
N LYS A 87 -1.75 -8.97 17.86
CA LYS A 87 -1.82 -9.64 16.57
C LYS A 87 -1.41 -8.70 15.44
N ARG A 88 -1.79 -7.42 15.54
CA ARG A 88 -1.41 -6.45 14.52
C ARG A 88 0.10 -6.24 14.47
N THR A 89 0.74 -6.19 15.65
CA THR A 89 2.20 -6.10 15.70
C THR A 89 2.86 -7.30 15.03
N TYR A 90 2.36 -8.51 15.30
CA TYR A 90 2.91 -9.71 14.66
C TYR A 90 2.70 -9.68 13.15
N ARG A 91 1.50 -9.29 12.72
CA ARG A 91 1.20 -9.21 11.29
C ARG A 91 2.15 -8.25 10.56
N GLU A 92 2.37 -7.07 11.14
CA GLU A 92 3.25 -6.09 10.49
C GLU A 92 4.68 -6.61 10.39
N LEU A 93 5.18 -7.22 11.47
CA LEU A 93 6.56 -7.71 11.45
C LEU A 93 6.71 -8.87 10.46
N ARG A 94 5.75 -9.80 10.42
CA ARG A 94 5.82 -10.89 9.44
C ARG A 94 5.83 -10.35 8.01
N LEU A 95 4.98 -9.37 7.72
CA LEU A 95 4.90 -8.80 6.36
C LEU A 95 6.20 -8.12 5.96
N LEU A 96 6.73 -7.24 6.82
CA LEU A 96 7.94 -6.51 6.48
C LEU A 96 9.14 -7.46 6.36
N LYS A 97 9.21 -8.51 7.18
CA LYS A 97 10.30 -9.48 7.04
C LYS A 97 10.25 -10.21 5.70
N HIS A 98 9.06 -10.35 5.10
CA HIS A 98 8.96 -11.13 3.87
C HIS A 98 9.31 -10.34 2.62
N MET A 99 9.09 -9.02 2.62
N MET A 99 9.07 -9.02 2.64
CA MET A 99 9.11 -8.25 1.39
CA MET A 99 9.17 -8.18 1.45
C MET A 99 10.54 -7.93 0.95
C MET A 99 10.62 -8.03 1.03
N LYS A 100 10.99 -8.59 -0.13
CA LYS A 100 12.34 -8.43 -0.69
C LYS A 100 12.25 -8.19 -2.22
N HIS A 101 12.03 -6.92 -2.60
CA HIS A 101 11.79 -6.53 -3.99
C HIS A 101 12.19 -5.05 -4.17
N GLU A 102 12.74 -4.73 -5.34
CA GLU A 102 13.25 -3.38 -5.60
C GLU A 102 12.18 -2.30 -5.50
N ASN A 103 10.92 -2.63 -5.80
CA ASN A 103 9.85 -1.65 -5.80
C ASN A 103 8.95 -1.77 -4.57
N VAL A 104 9.42 -2.42 -3.49
CA VAL A 104 8.64 -2.57 -2.25
C VAL A 104 9.55 -2.23 -1.07
N ILE A 105 9.00 -1.52 -0.08
CA ILE A 105 9.77 -1.23 1.13
C ILE A 105 10.22 -2.53 1.79
N GLY A 106 11.48 -2.57 2.22
CA GLY A 106 12.02 -3.72 2.92
C GLY A 106 12.46 -3.37 4.33
N LEU A 107 12.72 -4.40 5.13
CA LEU A 107 13.12 -4.23 6.52
C LEU A 107 14.64 -4.27 6.64
N LEU A 108 15.24 -3.17 7.07
CA LEU A 108 16.69 -3.15 7.27
C LEU A 108 17.12 -3.76 8.60
N ASP A 109 16.29 -3.62 9.64
CA ASP A 109 16.62 -4.10 10.98
C ASP A 109 15.35 -4.07 11.82
N VAL A 110 15.32 -4.94 12.84
CA VAL A 110 14.32 -4.89 13.90
C VAL A 110 15.03 -5.26 15.19
N PHE A 111 14.73 -4.53 16.28
CA PHE A 111 15.42 -4.78 17.53
C PHE A 111 14.53 -4.46 18.72
N THR A 112 14.92 -5.01 19.88
CA THR A 112 14.32 -4.71 21.18
C THR A 112 15.47 -4.60 22.17
N PRO A 113 15.38 -3.67 23.14
CA PRO A 113 16.41 -3.65 24.19
C PRO A 113 16.27 -4.77 25.19
N ALA A 114 15.16 -5.50 25.20
CA ALA A 114 14.96 -6.58 26.15
C ALA A 114 15.99 -7.68 25.95
N ARG A 115 16.40 -8.29 27.06
CA ARG A 115 17.36 -9.39 27.04
C ARG A 115 16.70 -10.75 27.18
N SER A 116 15.38 -10.79 27.35
CA SER A 116 14.65 -12.04 27.51
C SER A 116 13.19 -11.78 27.19
N LEU A 117 12.46 -12.86 26.92
CA LEU A 117 11.01 -12.73 26.69
C LEU A 117 10.31 -12.10 27.89
N GLU A 118 10.80 -12.37 29.11
CA GLU A 118 10.12 -11.89 30.30
C GLU A 118 10.14 -10.37 30.41
N GLU A 119 11.18 -9.70 29.90
CA GLU A 119 11.24 -8.25 29.95
C GLU A 119 10.89 -7.59 28.60
N PHE A 120 10.41 -8.37 27.64
CA PHE A 120 10.11 -7.88 26.30
C PHE A 120 8.88 -6.98 26.32
N ASN A 121 9.07 -5.72 25.92
CA ASN A 121 7.95 -4.78 25.84
C ASN A 121 7.97 -3.90 24.60
N ASP A 122 9.12 -3.57 24.02
CA ASP A 122 9.22 -2.57 22.98
C ASP A 122 9.78 -3.17 21.70
N VAL A 123 9.26 -2.70 20.57
CA VAL A 123 9.70 -3.16 19.25
C VAL A 123 10.05 -1.94 18.40
N TYR A 124 11.21 -1.97 17.77
CA TYR A 124 11.66 -0.92 16.86
C TYR A 124 11.89 -1.48 15.46
N LEU A 125 11.37 -0.79 14.44
CA LEU A 125 11.54 -1.20 13.05
C LEU A 125 12.39 -0.17 12.31
N VAL A 126 13.32 -0.65 11.47
CA VAL A 126 14.24 0.23 10.75
C VAL A 126 14.08 0.00 9.25
N THR A 127 13.83 1.09 8.51
CA THR A 127 13.73 1.07 7.05
C THR A 127 14.56 2.21 6.47
N HIS A 128 14.79 2.17 5.15
CA HIS A 128 15.41 3.30 4.47
C HIS A 128 14.56 4.55 4.64
N LEU A 129 15.23 5.68 4.86
CA LEU A 129 14.52 6.95 5.01
C LEU A 129 14.02 7.41 3.65
N MET A 130 12.72 7.64 3.54
CA MET A 130 12.11 8.04 2.27
C MET A 130 11.94 9.55 2.25
N GLY A 131 12.30 10.16 1.12
CA GLY A 131 12.13 11.59 0.95
C GLY A 131 10.76 11.96 0.43
N ALA A 132 10.66 12.17 -0.87
CA ALA A 132 9.42 12.63 -1.46
C ALA A 132 8.49 11.45 -1.75
N ASP A 133 7.19 11.73 -1.72
CA ASP A 133 6.21 10.76 -2.19
C ASP A 133 5.69 11.23 -3.54
N LEU A 134 4.77 10.44 -4.12
CA LEU A 134 4.28 10.77 -5.46
C LEU A 134 3.49 12.09 -5.47
N ASN A 135 2.95 12.50 -4.32
CA ASN A 135 2.28 13.81 -4.25
C ASN A 135 3.28 14.95 -4.48
N ASN A 136 4.47 14.84 -3.89
CA ASN A 136 5.54 15.84 -4.05
C ASN A 136 6.13 15.85 -5.46
N ILE A 137 5.48 15.16 -6.40
CA ILE A 137 5.90 15.12 -7.79
C ILE A 137 4.69 15.41 -8.66
N VAL A 138 3.57 14.76 -8.35
CA VAL A 138 2.33 14.97 -9.09
C VAL A 138 1.89 16.42 -8.97
N LYS A 139 1.94 16.97 -7.76
CA LYS A 139 1.52 18.36 -7.55
C LYS A 139 2.55 19.36 -8.02
N CYS A 140 3.84 19.01 -8.03
CA CYS A 140 4.92 19.98 -8.12
C CYS A 140 5.86 19.72 -9.29
N GLN A 141 5.39 19.07 -10.36
CA GLN A 141 6.26 18.79 -11.51
C GLN A 141 5.43 18.76 -12.79
N LYS A 142 6.14 18.66 -13.91
CA LYS A 142 5.56 18.45 -15.22
C LYS A 142 5.99 17.07 -15.71
N LEU A 143 5.02 16.17 -15.89
CA LEU A 143 5.30 14.77 -16.19
C LEU A 143 5.08 14.51 -17.68
N THR A 144 6.11 14.00 -18.35
CA THR A 144 5.91 13.52 -19.70
C THR A 144 5.18 12.17 -19.67
N ASP A 145 4.72 11.75 -20.85
CA ASP A 145 4.17 10.39 -20.97
C ASP A 145 5.21 9.34 -20.58
N ASP A 146 6.50 9.60 -20.88
CA ASP A 146 7.53 8.65 -20.51
C ASP A 146 7.67 8.52 -18.99
N HIS A 147 7.47 9.61 -18.26
CA HIS A 147 7.48 9.54 -16.80
C HIS A 147 6.32 8.68 -16.29
N VAL A 148 5.13 8.85 -16.87
CA VAL A 148 3.98 8.07 -16.44
C VAL A 148 4.21 6.59 -16.71
N GLN A 149 4.69 6.25 -17.91
CA GLN A 149 5.06 4.87 -18.21
C GLN A 149 5.97 4.28 -17.13
N PHE A 150 7.05 4.99 -16.79
CA PHE A 150 8.03 4.42 -15.87
C PHE A 150 7.47 4.28 -14.45
N LEU A 151 6.75 5.30 -13.98
CA LEU A 151 6.19 5.25 -12.63
C LEU A 151 5.15 4.13 -12.50
N ILE A 152 4.22 4.04 -13.45
CA ILE A 152 3.18 3.02 -13.33
C ILE A 152 3.77 1.63 -13.56
N TYR A 153 4.76 1.51 -14.46
CA TYR A 153 5.47 0.23 -14.63
C TYR A 153 6.01 -0.30 -13.31
N GLN A 154 6.66 0.58 -12.54
CA GLN A 154 7.27 0.15 -11.29
C GLN A 154 6.22 -0.25 -10.25
N ILE A 155 5.09 0.49 -10.19
CA ILE A 155 4.00 0.09 -9.28
C ILE A 155 3.55 -1.32 -9.63
N LEU A 156 3.31 -1.59 -10.92
CA LEU A 156 2.82 -2.90 -11.36
C LEU A 156 3.86 -4.00 -11.13
N ARG A 157 5.15 -3.69 -11.30
CA ARG A 157 6.21 -4.65 -11.03
C ARG A 157 6.22 -5.05 -9.56
N GLY A 158 6.12 -4.07 -8.67
CA GLY A 158 5.97 -4.38 -7.24
C GLY A 158 4.69 -5.15 -6.94
N LEU A 159 3.58 -4.78 -7.60
CA LEU A 159 2.31 -5.46 -7.31
C LEU A 159 2.31 -6.90 -7.82
N LYS A 160 2.93 -7.16 -8.97
CA LYS A 160 3.07 -8.55 -9.40
C LYS A 160 3.73 -9.39 -8.31
N TYR A 161 4.79 -8.85 -7.71
CA TYR A 161 5.50 -9.53 -6.62
C TYR A 161 4.60 -9.73 -5.40
N ILE A 162 3.96 -8.65 -4.94
CA ILE A 162 3.09 -8.70 -3.76
C ILE A 162 1.95 -9.69 -3.96
N HIS A 163 1.29 -9.61 -5.13
CA HIS A 163 0.13 -10.47 -5.37
C HIS A 163 0.54 -11.94 -5.54
N SER A 164 1.76 -12.21 -5.99
CA SER A 164 2.20 -13.60 -6.13
C SER A 164 2.34 -14.30 -4.79
N ALA A 165 2.42 -13.55 -3.69
CA ALA A 165 2.44 -14.10 -2.34
C ALA A 165 1.05 -14.11 -1.70
N ASP A 166 0.00 -13.85 -2.50
CA ASP A 166 -1.37 -13.71 -2.02
C ASP A 166 -1.47 -12.65 -0.91
N ILE A 167 -0.73 -11.55 -1.07
CA ILE A 167 -0.86 -10.37 -0.23
C ILE A 167 -1.65 -9.32 -0.99
N ILE A 168 -2.57 -8.64 -0.31
CA ILE A 168 -3.30 -7.51 -0.87
C ILE A 168 -2.82 -6.25 -0.15
N HIS A 169 -2.42 -5.22 -0.91
CA HIS A 169 -1.97 -4.00 -0.25
C HIS A 169 -3.12 -3.27 0.45
N ARG A 170 -4.20 -3.00 -0.30
CA ARG A 170 -5.48 -2.44 0.14
C ARG A 170 -5.44 -0.91 0.35
N ASP A 171 -4.28 -0.27 0.35
CA ASP A 171 -4.24 1.16 0.65
C ASP A 171 -3.30 1.90 -0.31
N LEU A 172 -3.32 1.53 -1.59
CA LEU A 172 -2.47 2.23 -2.55
C LEU A 172 -3.04 3.61 -2.85
N LYS A 173 -2.19 4.61 -2.74
CA LYS A 173 -2.51 6.02 -2.97
C LYS A 173 -1.18 6.78 -3.04
N PRO A 174 -1.18 8.00 -3.60
CA PRO A 174 0.12 8.67 -3.85
C PRO A 174 0.98 8.86 -2.61
N SER A 175 0.39 9.07 -1.43
CA SER A 175 1.21 9.28 -0.24
C SER A 175 1.89 8.00 0.23
N ASN A 176 1.48 6.84 -0.30
CA ASN A 176 2.11 5.57 0.05
C ASN A 176 3.06 5.08 -1.05
N LEU A 177 3.54 5.98 -1.91
CA LEU A 177 4.51 5.64 -2.95
C LEU A 177 5.68 6.61 -2.82
N ALA A 178 6.85 6.08 -2.48
CA ALA A 178 8.06 6.89 -2.37
C ALA A 178 8.74 6.99 -3.73
N VAL A 179 9.21 8.19 -4.08
CA VAL A 179 9.86 8.43 -5.36
C VAL A 179 11.11 9.28 -5.13
N ASN A 180 12.20 8.93 -5.79
CA ASN A 180 13.44 9.70 -5.65
C ASN A 180 13.67 10.57 -6.87
N GLU A 181 14.84 11.25 -6.88
CA GLU A 181 15.14 12.19 -7.95
C GLU A 181 15.24 11.50 -9.31
N ASP A 182 15.61 10.22 -9.33
CA ASP A 182 15.73 9.44 -10.55
C ASP A 182 14.43 8.75 -10.96
N CYS A 183 13.29 9.18 -10.41
CA CYS A 183 11.98 8.61 -10.74
C CYS A 183 11.83 7.16 -10.32
N GLU A 184 12.68 6.69 -9.41
CA GLU A 184 12.59 5.32 -8.90
C GLU A 184 11.58 5.27 -7.76
N LEU A 185 10.79 4.19 -7.72
CA LEU A 185 9.59 4.13 -6.89
C LEU A 185 9.58 2.90 -5.99
N LYS A 186 9.07 3.08 -4.76
CA LYS A 186 8.83 1.98 -3.83
C LYS A 186 7.44 2.09 -3.21
N ILE A 187 6.76 0.94 -3.10
CA ILE A 187 5.48 0.86 -2.42
C ILE A 187 5.70 0.72 -0.92
N LEU A 188 4.98 1.51 -0.11
CA LEU A 188 5.07 1.35 1.34
C LEU A 188 3.71 1.37 2.01
N ASP A 189 3.72 1.30 3.34
CA ASP A 189 2.53 1.42 4.21
C ASP A 189 1.41 0.48 3.79
N PHE A 190 1.70 -0.81 3.83
CA PHE A 190 0.69 -1.82 3.56
C PHE A 190 -0.50 -1.64 4.50
N GLY A 191 -1.69 -1.96 3.99
CA GLY A 191 -2.89 -1.97 4.81
C GLY A 191 -2.85 -3.08 5.83
N LEU A 192 -2.77 -2.72 7.10
CA LEU A 192 -2.59 -3.70 8.16
C LEU A 192 -3.73 -3.68 9.17
N HIS A 195 -8.63 0.73 8.39
CA HIS A 195 -8.92 2.13 8.70
C HIS A 195 -10.23 2.25 9.48
N THR A 196 -10.38 3.34 10.21
CA THR A 196 -11.58 3.56 11.00
C THR A 196 -12.69 4.16 10.14
N ASP A 197 -13.92 4.08 10.67
CA ASP A 197 -15.08 4.67 9.99
C ASP A 197 -14.87 6.16 9.74
N ASP A 198 -14.29 6.85 10.72
CA ASP A 198 -14.13 8.30 10.62
C ASP A 198 -13.03 8.69 9.62
N GLU A 199 -11.97 7.89 9.51
CA GLU A 199 -10.92 8.20 8.56
C GLU A 199 -11.40 8.14 7.11
N MET A 200 -12.48 7.41 6.84
CA MET A 200 -13.01 7.26 5.48
C MET A 200 -14.18 8.21 5.18
N THR A 201 -14.51 9.11 6.09
CA THR A 201 -15.71 9.93 5.96
C THR A 201 -15.40 11.26 5.28
N GLY A 202 -16.21 11.63 4.29
CA GLY A 202 -16.16 12.97 3.73
C GLY A 202 -15.22 13.19 2.56
N TYR A 203 -14.70 14.42 2.44
CA TYR A 203 -13.83 14.80 1.32
C TYR A 203 -12.40 14.47 1.71
N VAL A 204 -12.03 13.18 1.56
CA VAL A 204 -10.76 12.70 2.09
C VAL A 204 -10.05 11.78 1.08
N ALA A 205 -8.74 12.03 0.89
CA ALA A 205 -7.94 11.21 -0.03
C ALA A 205 -7.86 9.76 0.40
N THR A 206 -8.10 9.46 1.69
CA THR A 206 -8.06 8.08 2.15
C THR A 206 -9.11 7.19 1.50
N ARG A 207 -10.13 7.77 0.83
CA ARG A 207 -11.16 6.99 0.17
C ARG A 207 -11.15 7.13 -1.35
N TRP A 208 -10.53 8.18 -1.89
CA TRP A 208 -10.63 8.48 -3.32
C TRP A 208 -10.02 7.40 -4.22
N TYR A 209 -9.13 6.57 -3.70
CA TYR A 209 -8.44 5.55 -4.51
C TYR A 209 -8.99 4.15 -4.27
N ARG A 210 -10.03 4.01 -3.44
CA ARG A 210 -10.57 2.70 -3.08
C ARG A 210 -11.55 2.17 -4.13
N ALA A 211 -11.46 0.86 -4.39
CA ALA A 211 -12.39 0.22 -5.31
C ALA A 211 -13.81 0.28 -4.74
N PRO A 212 -14.83 0.46 -5.60
CA PRO A 212 -16.20 0.62 -5.07
C PRO A 212 -16.69 -0.58 -4.27
N GLU A 213 -16.27 -1.80 -4.62
CA GLU A 213 -16.76 -2.98 -3.89
C GLU A 213 -16.23 -3.02 -2.45
N ILE A 214 -15.08 -2.41 -2.17
CA ILE A 214 -14.65 -2.35 -0.78
C ILE A 214 -15.17 -1.07 -0.10
N MET A 215 -15.28 0.03 -0.84
CA MET A 215 -15.80 1.26 -0.26
C MET A 215 -17.20 1.06 0.30
N LEU A 216 -18.01 0.26 -0.38
CA LEU A 216 -19.42 0.06 -0.02
C LEU A 216 -19.70 -1.34 0.50
N ASN A 217 -18.67 -2.14 0.73
CA ASN A 217 -18.82 -3.49 1.29
C ASN A 217 -19.79 -4.33 0.46
N TRP A 218 -19.59 -4.34 -0.86
CA TRP A 218 -20.47 -5.06 -1.76
C TRP A 218 -20.29 -6.57 -1.64
N MET A 219 -19.06 -7.02 -1.41
CA MET A 219 -18.73 -8.42 -1.56
C MET A 219 -17.35 -8.64 -0.95
N HIS A 220 -17.03 -9.92 -0.73
CA HIS A 220 -15.67 -10.26 -0.34
C HIS A 220 -14.72 -9.84 -1.44
N TYR A 221 -13.73 -9.03 -1.09
CA TYR A 221 -12.81 -8.48 -2.07
C TYR A 221 -11.55 -9.35 -2.15
N ASN A 222 -10.76 -9.08 -3.17
CA ASN A 222 -9.50 -9.81 -3.38
C ASN A 222 -8.48 -8.82 -3.95
N GLN A 223 -7.38 -9.36 -4.49
CA GLN A 223 -6.25 -8.53 -4.91
C GLN A 223 -6.59 -7.57 -6.06
N THR A 224 -7.70 -7.82 -6.77
CA THR A 224 -8.12 -6.92 -7.84
C THR A 224 -8.41 -5.49 -7.34
N VAL A 225 -8.65 -5.30 -6.04
CA VAL A 225 -8.90 -3.94 -5.56
C VAL A 225 -7.68 -3.06 -5.78
N ASP A 226 -6.47 -3.62 -5.72
CA ASP A 226 -5.26 -2.83 -5.91
C ASP A 226 -5.16 -2.30 -7.34
N ILE A 227 -5.65 -3.05 -8.32
CA ILE A 227 -5.56 -2.60 -9.72
C ILE A 227 -6.48 -1.40 -9.94
N TRP A 228 -7.66 -1.38 -9.30
CA TRP A 228 -8.50 -0.17 -9.34
C TRP A 228 -7.72 1.04 -8.85
N SER A 229 -7.03 0.89 -7.73
CA SER A 229 -6.23 2.00 -7.19
C SER A 229 -5.16 2.46 -8.17
N VAL A 230 -4.48 1.51 -8.85
CA VAL A 230 -3.48 1.90 -9.84
C VAL A 230 -4.12 2.71 -10.97
N GLY A 231 -5.33 2.32 -11.40
CA GLY A 231 -6.04 3.10 -12.40
C GLY A 231 -6.28 4.53 -11.96
N CYS A 232 -6.75 4.69 -10.71
CA CYS A 232 -6.98 6.05 -10.18
C CYS A 232 -5.67 6.85 -10.14
N ILE A 233 -4.56 6.21 -9.75
CA ILE A 233 -3.28 6.91 -9.67
C ILE A 233 -2.81 7.30 -11.07
N MET A 234 -2.88 6.36 -12.02
CA MET A 234 -2.42 6.65 -13.38
C MET A 234 -3.22 7.79 -14.01
N ALA A 235 -4.54 7.78 -13.83
CA ALA A 235 -5.37 8.88 -14.35
C ALA A 235 -4.89 10.22 -13.81
N GLU A 236 -4.60 10.29 -12.51
CA GLU A 236 -4.18 11.53 -11.86
C GLU A 236 -2.80 11.99 -12.37
N LEU A 237 -1.89 11.06 -12.65
CA LEU A 237 -0.61 11.47 -13.24
C LEU A 237 -0.80 12.05 -14.63
N LEU A 238 -1.78 11.53 -15.38
CA LEU A 238 -1.99 12.00 -16.76
C LEU A 238 -2.68 13.35 -16.82
N THR A 239 -3.59 13.65 -15.87
CA THR A 239 -4.36 14.89 -15.91
C THR A 239 -3.93 15.93 -14.89
N GLY A 240 -3.17 15.53 -13.88
CA GLY A 240 -2.86 16.38 -12.76
C GLY A 240 -3.98 16.60 -11.78
N ARG A 241 -5.09 15.85 -11.89
CA ARG A 241 -6.28 16.03 -11.07
C ARG A 241 -6.75 14.70 -10.51
N THR A 242 -7.31 14.71 -9.29
CA THR A 242 -7.92 13.50 -8.73
C THR A 242 -9.03 12.98 -9.66
N LEU A 243 -9.05 11.67 -9.89
CA LEU A 243 -10.09 11.09 -10.75
C LEU A 243 -11.47 11.13 -10.08
N PHE A 244 -11.58 10.62 -8.84
CA PHE A 244 -12.87 10.48 -8.15
C PHE A 244 -12.83 11.16 -6.79
N PRO A 245 -12.71 12.49 -6.74
CA PRO A 245 -12.65 13.21 -5.45
C PRO A 245 -14.03 13.42 -4.82
N GLY A 246 -14.67 12.33 -4.41
CA GLY A 246 -16.01 12.43 -3.87
C GLY A 246 -16.04 13.16 -2.53
N THR A 247 -17.13 13.91 -2.32
CA THR A 247 -17.33 14.57 -1.03
C THR A 247 -17.87 13.63 0.05
N ASP A 248 -18.32 12.44 -0.33
CA ASP A 248 -18.70 11.36 0.59
C ASP A 248 -18.81 10.09 -0.26
N HIS A 249 -19.13 8.97 0.40
CA HIS A 249 -19.24 7.68 -0.31
C HIS A 249 -20.20 7.76 -1.50
N ILE A 250 -21.37 8.38 -1.31
CA ILE A 250 -22.40 8.38 -2.35
C ILE A 250 -22.01 9.28 -3.51
N ASP A 251 -21.52 10.49 -3.21
CA ASP A 251 -20.99 11.35 -4.27
C ASP A 251 -19.90 10.64 -5.07
N GLN A 252 -18.99 9.94 -4.38
CA GLN A 252 -17.91 9.26 -5.09
C GLN A 252 -18.47 8.15 -5.97
N LEU A 253 -19.44 7.37 -5.47
CA LEU A 253 -20.02 6.32 -6.32
C LEU A 253 -20.64 6.93 -7.58
N LYS A 254 -21.30 8.09 -7.44
CA LYS A 254 -21.94 8.70 -8.60
C LYS A 254 -20.91 9.12 -9.64
N LEU A 255 -19.77 9.65 -9.19
CA LEU A 255 -18.67 9.95 -10.11
C LEU A 255 -18.17 8.68 -10.80
N ILE A 256 -18.00 7.59 -10.04
CA ILE A 256 -17.49 6.34 -10.62
C ILE A 256 -18.45 5.80 -11.68
N LEU A 257 -19.74 5.73 -11.35
CA LEU A 257 -20.69 5.12 -12.30
C LEU A 257 -20.89 5.99 -13.53
N ARG A 258 -20.73 7.31 -13.40
CA ARG A 258 -20.80 8.16 -14.59
C ARG A 258 -19.70 7.83 -15.59
N LEU A 259 -18.49 7.50 -15.09
CA LEU A 259 -17.40 7.17 -16.00
C LEU A 259 -17.53 5.75 -16.57
N VAL A 260 -17.74 4.75 -15.70
CA VAL A 260 -17.67 3.36 -16.16
C VAL A 260 -19.02 2.72 -16.45
N GLY A 261 -20.12 3.42 -16.17
CA GLY A 261 -21.47 2.92 -16.44
C GLY A 261 -22.05 2.21 -15.24
N THR A 262 -23.38 2.17 -15.18
CA THR A 262 -24.04 1.43 -14.12
C THR A 262 -23.91 -0.08 -14.37
N PRO A 263 -23.96 -0.88 -13.32
CA PRO A 263 -23.76 -2.32 -13.48
C PRO A 263 -24.92 -3.01 -14.20
N GLY A 264 -24.56 -4.08 -14.92
CA GLY A 264 -25.56 -4.98 -15.48
C GLY A 264 -25.94 -6.09 -14.51
N ALA A 265 -26.90 -6.91 -14.94
CA ALA A 265 -27.42 -7.95 -14.07
C ALA A 265 -26.35 -8.93 -13.63
N GLU A 266 -25.33 -9.13 -14.47
CA GLU A 266 -24.25 -10.05 -14.15
C GLU A 266 -23.47 -9.61 -12.92
N LEU A 267 -23.10 -8.33 -12.85
CA LEU A 267 -22.43 -7.85 -11.64
C LEU A 267 -23.40 -7.74 -10.47
N LEU A 268 -24.64 -7.33 -10.72
CA LEU A 268 -25.60 -7.17 -9.63
C LEU A 268 -25.77 -8.47 -8.86
N LYS A 269 -25.70 -9.61 -9.55
CA LYS A 269 -25.82 -10.92 -8.89
C LYS A 269 -24.70 -11.15 -7.88
N LYS A 270 -23.54 -10.50 -8.06
CA LYS A 270 -22.38 -10.75 -7.22
C LYS A 270 -22.33 -9.89 -5.97
N ILE A 271 -23.25 -8.93 -5.84
CA ILE A 271 -23.31 -8.05 -4.67
C ILE A 271 -24.19 -8.70 -3.61
N SER A 272 -23.60 -8.96 -2.44
CA SER A 272 -24.23 -9.82 -1.44
C SER A 272 -25.31 -9.09 -0.67
N SER A 273 -25.11 -7.81 -0.37
CA SER A 273 -26.12 -7.06 0.37
C SER A 273 -27.33 -6.81 -0.51
N GLU A 274 -28.48 -7.39 -0.13
CA GLU A 274 -29.75 -7.05 -0.75
C GLU A 274 -29.99 -5.55 -0.75
N SER A 275 -29.58 -4.87 0.34
CA SER A 275 -29.79 -3.43 0.44
C SER A 275 -28.92 -2.68 -0.56
N ALA A 276 -27.64 -3.04 -0.65
CA ALA A 276 -26.75 -2.43 -1.64
C ALA A 276 -27.26 -2.66 -3.05
N ARG A 277 -27.68 -3.91 -3.36
CA ARG A 277 -28.30 -4.19 -4.65
C ARG A 277 -29.52 -3.30 -4.89
N ASN A 278 -30.39 -3.19 -3.88
CA ASN A 278 -31.55 -2.32 -3.97
C ASN A 278 -31.15 -0.89 -4.27
N TYR A 279 -30.12 -0.39 -3.58
CA TYR A 279 -29.75 1.00 -3.80
C TYR A 279 -29.22 1.22 -5.22
N ILE A 280 -28.36 0.32 -5.70
CA ILE A 280 -27.81 0.47 -7.05
C ILE A 280 -28.94 0.54 -8.08
N GLN A 281 -29.92 -0.34 -7.96
CA GLN A 281 -31.01 -0.35 -8.92
C GLN A 281 -31.91 0.88 -8.81
N SER A 282 -31.80 1.65 -7.73
CA SER A 282 -32.54 2.91 -7.66
C SER A 282 -31.94 3.98 -8.57
N LEU A 283 -30.71 3.80 -9.06
CA LEU A 283 -30.06 4.82 -9.87
C LEU A 283 -30.42 4.63 -11.34
N ALA A 284 -30.65 5.74 -12.04
CA ALA A 284 -30.90 5.69 -13.47
C ALA A 284 -29.68 5.10 -14.18
N GLN A 285 -29.94 4.32 -15.22
CA GLN A 285 -28.85 3.63 -15.90
C GLN A 285 -28.07 4.60 -16.78
N MET A 286 -26.76 4.36 -16.87
CA MET A 286 -25.82 5.21 -17.59
C MET A 286 -24.85 4.31 -18.35
N PRO A 287 -24.49 4.68 -19.58
CA PRO A 287 -23.47 3.92 -20.32
C PRO A 287 -22.06 4.33 -19.92
N LYS A 288 -21.12 3.43 -20.18
CA LYS A 288 -19.70 3.75 -20.04
C LYS A 288 -19.34 4.91 -20.97
N MET A 289 -18.57 5.87 -20.46
CA MET A 289 -18.14 7.02 -21.27
C MET A 289 -17.00 6.64 -22.23
N ASN A 290 -16.76 7.53 -23.20
CA ASN A 290 -15.62 7.39 -24.10
C ASN A 290 -14.38 7.93 -23.39
N PHE A 291 -13.43 7.05 -23.05
CA PHE A 291 -12.25 7.50 -22.26
C PHE A 291 -11.32 8.42 -23.05
N ALA A 292 -11.32 8.33 -24.38
CA ALA A 292 -10.53 9.30 -25.15
C ALA A 292 -11.06 10.71 -25.05
N ASN A 293 -12.36 10.88 -24.75
CA ASN A 293 -12.94 12.18 -24.55
C ASN A 293 -12.87 12.65 -23.10
N VAL A 294 -12.42 11.77 -22.20
CA VAL A 294 -12.16 12.16 -20.80
C VAL A 294 -10.69 12.50 -20.61
N PHE A 295 -9.79 11.64 -21.08
CA PHE A 295 -8.35 11.82 -20.96
C PHE A 295 -7.80 12.41 -22.26
N ILE A 296 -8.21 13.66 -22.48
CA ILE A 296 -8.01 14.34 -23.76
C ILE A 296 -6.52 14.48 -24.05
N GLY A 297 -6.11 13.99 -25.21
CA GLY A 297 -4.74 14.10 -25.65
C GLY A 297 -3.79 13.05 -25.11
N ALA A 298 -4.26 12.12 -24.29
CA ALA A 298 -3.37 11.11 -23.74
C ALA A 298 -2.98 10.09 -24.81
N ASN A 299 -1.82 9.47 -24.61
CA ASN A 299 -1.38 8.34 -25.42
C ASN A 299 -2.53 7.33 -25.57
N PRO A 300 -2.91 6.97 -26.80
CA PRO A 300 -4.01 6.00 -26.96
C PRO A 300 -3.74 4.68 -26.23
N LEU A 301 -2.47 4.29 -26.06
CA LEU A 301 -2.18 3.07 -25.32
C LEU A 301 -2.43 3.26 -23.83
N ALA A 302 -2.23 4.48 -23.31
CA ALA A 302 -2.59 4.76 -21.92
C ALA A 302 -4.09 4.74 -21.72
N VAL A 303 -4.84 5.29 -22.67
CA VAL A 303 -6.30 5.23 -22.62
C VAL A 303 -6.77 3.78 -22.61
N ASP A 304 -6.18 2.94 -23.47
CA ASP A 304 -6.58 1.54 -23.54
C ASP A 304 -6.33 0.83 -22.20
N LEU A 305 -5.17 1.07 -21.59
CA LEU A 305 -4.86 0.41 -20.32
C LEU A 305 -5.79 0.87 -19.22
N LEU A 306 -6.14 2.17 -19.19
CA LEU A 306 -7.09 2.65 -18.19
C LEU A 306 -8.44 1.98 -18.35
N GLU A 307 -8.88 1.74 -19.59
CA GLU A 307 -10.15 1.04 -19.79
C GLU A 307 -10.11 -0.38 -19.25
N LYS A 308 -8.93 -0.99 -19.20
CA LYS A 308 -8.82 -2.35 -18.70
C LYS A 308 -8.64 -2.43 -17.19
N MET A 309 -8.18 -1.36 -16.55
N MET A 309 -8.20 -1.34 -16.55
CA MET A 309 -8.07 -1.31 -15.10
CA MET A 309 -8.06 -1.31 -15.09
C MET A 309 -9.37 -0.89 -14.43
C MET A 309 -9.31 -0.82 -14.39
N LEU A 310 -10.03 0.15 -14.97
CA LEU A 310 -11.19 0.76 -14.34
C LEU A 310 -12.48 0.10 -14.83
N VAL A 311 -12.60 -1.18 -14.48
CA VAL A 311 -13.75 -2.01 -14.81
C VAL A 311 -14.50 -2.27 -13.51
N LEU A 312 -15.82 -2.05 -13.51
CA LEU A 312 -16.59 -2.16 -12.28
C LEU A 312 -16.53 -3.58 -11.73
N ASP A 313 -16.76 -4.59 -12.59
CA ASP A 313 -16.72 -5.99 -12.17
C ASP A 313 -15.27 -6.43 -11.95
N SER A 314 -14.89 -6.67 -10.69
CA SER A 314 -13.50 -6.97 -10.40
C SER A 314 -13.01 -8.28 -11.03
N ASP A 315 -13.92 -9.23 -11.34
CA ASP A 315 -13.52 -10.45 -12.04
C ASP A 315 -12.90 -10.15 -13.40
N LYS A 316 -13.21 -9.00 -14.00
CA LYS A 316 -12.86 -8.70 -15.38
C LYS A 316 -11.73 -7.68 -15.50
N ARG A 317 -11.22 -7.16 -14.38
CA ARG A 317 -10.07 -6.27 -14.43
C ARG A 317 -8.82 -6.99 -14.89
N ILE A 318 -7.94 -6.24 -15.56
CA ILE A 318 -6.60 -6.76 -15.88
C ILE A 318 -5.82 -7.00 -14.58
N THR A 319 -4.98 -8.05 -14.57
CA THR A 319 -4.10 -8.31 -13.43
C THR A 319 -2.76 -7.59 -13.59
N ALA A 320 -1.98 -7.53 -12.50
CA ALA A 320 -0.67 -6.91 -12.58
C ALA A 320 0.22 -7.62 -13.61
N ALA A 321 0.23 -8.96 -13.57
CA ALA A 321 1.06 -9.71 -14.51
C ALA A 321 0.64 -9.46 -15.96
N GLN A 322 -0.68 -9.41 -16.22
CA GLN A 322 -1.16 -9.10 -17.57
C GLN A 322 -0.81 -7.67 -17.97
N ALA A 323 -0.94 -6.70 -17.05
CA ALA A 323 -0.69 -5.30 -17.39
C ALA A 323 0.77 -5.05 -17.76
N LEU A 324 1.71 -5.77 -17.14
CA LEU A 324 3.12 -5.58 -17.45
C LEU A 324 3.40 -5.89 -18.92
N ALA A 325 2.63 -6.78 -19.52
CA ALA A 325 2.79 -7.16 -20.92
C ALA A 325 2.02 -6.27 -21.88
N HIS A 326 1.30 -5.26 -21.39
CA HIS A 326 0.57 -4.33 -22.24
C HIS A 326 1.54 -3.44 -23.02
N ALA A 327 1.17 -3.10 -24.26
CA ALA A 327 2.09 -2.36 -25.13
C ALA A 327 2.46 -0.97 -24.59
N TYR A 328 1.68 -0.39 -23.66
CA TYR A 328 2.07 0.89 -23.08
C TYR A 328 3.45 0.83 -22.43
N PHE A 329 3.87 -0.35 -21.94
CA PHE A 329 5.14 -0.48 -21.23
C PHE A 329 6.25 -1.12 -22.08
N ALA A 330 6.12 -1.08 -23.42
CA ALA A 330 7.06 -1.83 -24.25
C ALA A 330 8.50 -1.41 -24.04
N GLN A 331 8.73 -0.15 -23.67
CA GLN A 331 10.09 0.36 -23.47
C GLN A 331 10.74 -0.18 -22.20
N TYR A 332 9.95 -0.64 -21.23
CA TYR A 332 10.48 -1.09 -19.93
C TYR A 332 10.25 -2.56 -19.62
N HIS A 333 9.26 -3.20 -20.23
CA HIS A 333 8.89 -4.58 -19.89
C HIS A 333 10.04 -5.54 -20.18
N ASP A 334 10.38 -6.36 -19.19
CA ASP A 334 11.39 -7.40 -19.32
C ASP A 334 10.89 -8.60 -18.51
N PRO A 335 10.31 -9.60 -19.16
CA PRO A 335 9.73 -10.73 -18.40
C PRO A 335 10.76 -11.58 -17.66
N ASP A 336 12.06 -11.37 -17.89
CA ASP A 336 13.09 -12.04 -17.11
C ASP A 336 13.57 -11.21 -15.92
N ASP A 337 13.02 -10.01 -15.73
CA ASP A 337 13.40 -9.12 -14.64
C ASP A 337 12.16 -8.60 -13.92
N GLU A 338 11.16 -9.46 -13.75
CA GLU A 338 9.91 -9.12 -13.05
C GLU A 338 9.58 -10.24 -12.08
N PRO A 339 10.30 -10.33 -10.96
CA PRO A 339 10.26 -11.55 -10.14
C PRO A 339 9.00 -11.67 -9.28
N VAL A 340 8.74 -12.92 -8.89
CA VAL A 340 7.66 -13.23 -7.98
C VAL A 340 8.22 -13.49 -6.58
N ALA A 341 7.33 -13.60 -5.60
CA ALA A 341 7.74 -13.72 -4.21
C ALA A 341 7.83 -15.20 -3.80
N ASP A 342 8.65 -15.44 -2.77
CA ASP A 342 8.58 -16.72 -2.05
C ASP A 342 7.18 -16.90 -1.46
N PRO A 343 6.73 -18.14 -1.29
CA PRO A 343 5.42 -18.38 -0.65
C PRO A 343 5.35 -17.74 0.73
N TYR A 344 4.16 -17.25 1.09
CA TYR A 344 3.93 -16.50 2.33
C TYR A 344 2.78 -17.15 3.11
N ASP A 345 3.11 -17.71 4.29
CA ASP A 345 2.13 -18.42 5.13
C ASP A 345 1.37 -17.44 6.00
N GLN A 346 0.09 -17.24 5.70
CA GLN A 346 -0.80 -16.37 6.47
C GLN A 346 -1.79 -17.15 7.32
N SER A 347 -1.51 -18.42 7.61
CA SER A 347 -2.47 -19.21 8.36
C SER A 347 -2.65 -18.69 9.79
N PHE A 348 -1.69 -17.90 10.32
CA PHE A 348 -1.85 -17.34 11.65
C PHE A 348 -3.09 -16.45 11.76
N GLU A 349 -3.60 -15.94 10.64
CA GLU A 349 -4.71 -14.99 10.68
C GLU A 349 -5.99 -15.61 11.22
N SER A 350 -6.15 -16.93 11.13
CA SER A 350 -7.32 -17.60 11.67
C SER A 350 -7.06 -18.21 13.04
N ARG A 351 -5.89 -17.96 13.62
CA ARG A 351 -5.54 -18.53 14.91
C ARG A 351 -6.09 -17.68 16.04
N ASP A 352 -6.61 -18.33 17.07
CA ASP A 352 -7.09 -17.62 18.25
C ASP A 352 -6.11 -17.84 19.38
N LEU A 353 -5.33 -16.80 19.70
CA LEU A 353 -4.27 -16.86 20.68
C LEU A 353 -4.45 -15.79 21.75
N LEU A 354 -3.79 -16.00 22.88
CA LEU A 354 -3.76 -15.02 23.96
C LEU A 354 -2.70 -13.96 23.68
N ILE A 355 -2.81 -12.82 24.37
CA ILE A 355 -1.84 -11.73 24.20
C ILE A 355 -0.41 -12.25 24.34
N ASP A 356 -0.14 -13.00 25.41
CA ASP A 356 1.22 -13.45 25.64
C ASP A 356 1.69 -14.45 24.58
N GLU A 357 0.76 -15.13 23.90
CA GLU A 357 1.17 -16.03 22.82
C GLU A 357 1.54 -15.26 21.56
N TRP A 358 0.76 -14.22 21.22
CA TRP A 358 1.15 -13.33 20.12
C TRP A 358 2.46 -12.63 20.43
N LYS A 359 2.65 -12.23 21.69
CA LYS A 359 3.88 -11.56 22.09
C LYS A 359 5.07 -12.50 21.96
N SER A 360 4.91 -13.76 22.36
CA SER A 360 6.00 -14.71 22.23
C SER A 360 6.33 -14.98 20.76
N LEU A 361 5.30 -15.06 19.90
CA LEU A 361 5.54 -15.24 18.48
C LEU A 361 6.31 -14.06 17.90
N THR A 362 5.96 -12.85 18.33
CA THR A 362 6.66 -11.66 17.84
C THR A 362 8.11 -11.67 18.30
N TYR A 363 8.35 -12.01 19.57
CA TYR A 363 9.71 -12.08 20.10
C TYR A 363 10.56 -13.03 19.26
N ASP A 364 10.03 -14.22 18.94
CA ASP A 364 10.77 -15.16 18.10
C ASP A 364 11.15 -14.54 16.76
N GLU A 365 10.25 -13.75 16.16
CA GLU A 365 10.54 -13.16 14.85
C GLU A 365 11.58 -12.04 14.96
N VAL A 366 11.59 -11.30 16.07
CA VAL A 366 12.63 -10.30 16.28
C VAL A 366 14.01 -10.95 16.37
N ILE A 367 14.13 -12.01 17.18
CA ILE A 367 15.45 -12.56 17.43
C ILE A 367 15.95 -13.41 16.26
N SER A 368 15.08 -13.86 15.36
CA SER A 368 15.51 -14.64 14.21
C SER A 368 15.80 -13.78 12.98
N PHE A 369 15.64 -12.46 13.07
CA PHE A 369 15.83 -11.61 11.91
C PHE A 369 17.28 -11.70 11.43
N VAL A 370 17.44 -11.85 10.12
CA VAL A 370 18.76 -11.83 9.47
C VAL A 370 18.79 -10.63 8.53
N PRO A 371 19.75 -9.72 8.66
CA PRO A 371 19.75 -8.51 7.85
C PRO A 371 20.03 -8.82 6.38
N PRO A 372 19.66 -7.90 5.48
CA PRO A 372 19.98 -8.09 4.07
C PRO A 372 21.46 -7.91 3.82
N PRO A 373 21.99 -8.50 2.73
CA PRO A 373 23.37 -8.36 2.24
C PRO A 373 23.94 -6.94 2.37
C4 LO5 B . -14.76 12.38 -12.67
C5 LO5 B . -14.91 13.74 -12.29
C6 LO5 B . -14.02 14.31 -11.23
C7 LO5 B . -12.28 15.14 -12.92
C8 LO5 B . -11.57 14.40 -14.07
C10 LO5 B . -10.26 14.17 -15.89
N LO5 B . -12.55 14.21 -11.73
C LO5 B . -15.90 14.55 -12.84
O LO5 B . -10.72 13.32 -13.72
C1 LO5 B . -16.82 14.05 -13.79
C11 LO5 B . -10.38 12.88 -15.03
C12 LO5 B . -16.91 10.68 -15.00
C2 LO5 B . -16.68 12.73 -14.13
C3 LO5 B . -15.66 11.91 -13.58
C9 LO5 B . -10.65 15.27 -14.92
O1 LO5 B . -15.77 10.66 -14.11
O2 LO5 B . -17.45 11.99 -14.99
CL CL C . 25.67 -0.96 17.61
CL CL D . 11.67 -4.03 25.81
CL CL E . 13.82 -0.88 0.81
CL CL F . 6.01 -17.92 5.08
CL CL G . -2.54 10.27 -1.07
CL CL H . 1.72 -17.68 -0.98
CL CL I . -18.31 10.00 -23.47
MG MG J . 1.08 6.33 4.46
S SO4 K . -8.50 18.13 -7.79
O1 SO4 K . -9.81 18.75 -7.60
O2 SO4 K . -8.52 17.46 -9.08
O3 SO4 K . -8.24 17.14 -6.74
O4 SO4 K . -7.45 19.15 -7.77
S SO4 L . -2.87 7.73 6.19
O1 SO4 L . -2.96 6.44 5.50
O2 SO4 L . -2.63 8.79 5.22
O3 SO4 L . -4.12 7.99 6.89
O4 SO4 L . -1.77 7.69 7.16
#